data_4BK1
#
_entry.id   4BK1
#
_cell.length_a   105.820
_cell.length_b   105.820
_cell.length_c   142.290
_cell.angle_alpha   90.00
_cell.angle_beta   90.00
_cell.angle_gamma   90.00
#
_symmetry.space_group_name_H-M   'I 41 2 2'
#
loop_
_entity.id
_entity.type
_entity.pdbx_description
1 polymer 'PROBABLE SALICYLATE MONOOXYGENASE'
2 non-polymer 'FLAVIN-ADENINE DINUCLEOTIDE'
3 non-polymer PHOSPHATIDYLGLYCEROL-PHOSPHOGLYCEROL
4 non-polymer '3-HYDROXYBENZOIC ACID'
5 non-polymer 'CHLORIDE ION'
6 water water
#
_entity_poly.entity_id   1
_entity_poly.type   'polypeptide(L)'
_entity_poly.pdbx_seq_one_letter_code
;MSNLQDARIIIAGGGIGGAANALALAQKGANVTLFERASEFGEVGAGLQVGPHGARILDSWGVLDDVLSRAFLPKNIVFR
DAITAEVLTKIDLGSEFRGRYGGPYFVTHRSDLHATLVDAARAAGAELHTGVTVTDVITEGDKAIVSTDDGRTHEADIAL
GMDGLKSRLREKISGDEPVSSGYAAYRGTTPYRDVELDEDIEDVVGYIGPRCSFIQYPLRGGEMLNQVAVFESPGFKNGI
ENWGGPEELEQAYAHCHENVRRGIDYLWKDRWWPMYDREPIENWVDGRMILLGDAAHPPLQYLASGAVMAIEDAKCLADY
AAEDFSTGGNSAWPQILKEVNTERAPRCNRILTTGRMWGELWHLDGTARIARNELFRTRDTSSYKYTDWLWGYSSDRASK
LGPEQKLISEEDLNSAVDHHHHHH
;
_entity_poly.pdbx_strand_id   A
#
# COMPACT_ATOMS: atom_id res chain seq x y z
N ASN A 3 20.93 3.01 -18.10
CA ASN A 3 20.23 1.70 -18.09
C ASN A 3 20.99 0.67 -17.27
N LEU A 4 20.46 -0.57 -17.20
CA LEU A 4 20.92 -1.56 -16.25
C LEU A 4 21.24 -2.97 -16.81
N GLN A 5 21.62 -3.17 -18.08
CA GLN A 5 21.88 -4.53 -18.55
C GLN A 5 23.00 -5.26 -17.87
N ASP A 6 24.03 -4.59 -17.40
CA ASP A 6 25.06 -5.38 -16.70
C ASP A 6 24.70 -5.84 -15.25
N ALA A 7 23.49 -5.48 -14.79
CA ALA A 7 23.16 -5.60 -13.35
C ALA A 7 22.19 -6.76 -13.14
N ARG A 8 22.35 -7.48 -12.04
CA ARG A 8 21.45 -8.55 -11.66
C ARG A 8 20.86 -8.17 -10.31
N ILE A 9 19.56 -8.31 -10.19
CA ILE A 9 18.86 -8.00 -8.96
C ILE A 9 17.96 -9.18 -8.63
N ILE A 10 18.02 -9.61 -7.38
CA ILE A 10 17.13 -10.63 -6.85
C ILE A 10 16.13 -9.97 -5.90
N ILE A 11 14.87 -10.30 -6.09
CA ILE A 11 13.78 -9.72 -5.29
C ILE A 11 13.19 -10.88 -4.50
N ALA A 12 13.17 -10.71 -3.20
CA ALA A 12 12.53 -11.63 -2.28
C ALA A 12 11.13 -11.19 -1.96
N GLY A 13 10.13 -11.86 -2.58
CA GLY A 13 8.69 -11.46 -2.47
C GLY A 13 8.06 -10.96 -3.71
N GLY A 14 6.83 -11.45 -3.96
CA GLY A 14 6.07 -11.18 -5.17
C GLY A 14 4.71 -10.62 -4.95
N GLY A 15 4.61 -9.75 -3.96
CA GLY A 15 3.39 -8.96 -3.76
C GLY A 15 3.36 -7.84 -4.73
N ILE A 16 2.47 -6.89 -4.50
CA ILE A 16 2.40 -5.72 -5.39
C ILE A 16 3.76 -5.02 -5.43
N GLY A 17 4.41 -4.97 -4.28
CA GLY A 17 5.72 -4.32 -4.20
C GLY A 17 6.77 -5.02 -5.06
N GLY A 18 6.91 -6.32 -4.83
CA GLY A 18 7.96 -7.06 -5.55
C GLY A 18 7.74 -7.05 -7.07
N ALA A 19 6.47 -7.21 -7.44
CA ALA A 19 6.07 -7.15 -8.82
C ALA A 19 6.40 -5.83 -9.44
N ALA A 20 6.10 -4.72 -8.72
CA ALA A 20 6.31 -3.38 -9.27
C ALA A 20 7.76 -3.12 -9.45
N ASN A 21 8.55 -3.55 -8.49
CA ASN A 21 10.03 -3.43 -8.57
C ASN A 21 10.60 -4.27 -9.74
N ALA A 22 10.06 -5.47 -9.93
CA ALA A 22 10.53 -6.31 -11.04
C ALA A 22 10.27 -5.64 -12.38
N LEU A 23 9.07 -5.06 -12.53
CA LEU A 23 8.75 -4.31 -13.70
C LEU A 23 9.68 -3.12 -13.95
N ALA A 24 9.80 -2.26 -12.94
CA ALA A 24 10.50 -1.02 -13.11
C ALA A 24 11.94 -1.33 -13.51
N LEU A 25 12.54 -2.27 -12.79
CA LEU A 25 13.95 -2.67 -12.97
C LEU A 25 14.18 -3.38 -14.37
N ALA A 26 13.25 -4.23 -14.73
CA ALA A 26 13.29 -4.94 -16.04
C ALA A 26 13.10 -3.99 -17.21
N GLN A 27 12.25 -2.96 -17.10
CA GLN A 27 12.13 -1.92 -18.10
C GLN A 27 13.37 -1.10 -18.31
N LYS A 28 14.24 -1.08 -17.31
CA LYS A 28 15.54 -0.43 -17.47
C LYS A 28 16.61 -1.38 -18.02
N GLY A 29 16.25 -2.64 -18.26
CA GLY A 29 17.20 -3.57 -18.89
C GLY A 29 17.92 -4.46 -17.90
N ALA A 30 17.65 -4.32 -16.61
CA ALA A 30 18.24 -5.16 -15.58
C ALA A 30 17.84 -6.61 -15.71
N ASN A 31 18.70 -7.51 -15.25
CA ASN A 31 18.38 -8.91 -15.16
C ASN A 31 17.75 -9.12 -13.81
N VAL A 32 16.46 -9.38 -13.78
CA VAL A 32 15.73 -9.50 -12.50
C VAL A 32 15.32 -10.89 -12.31
N THR A 33 15.58 -11.44 -11.12
CA THR A 33 15.11 -12.70 -10.63
C THR A 33 14.28 -12.46 -9.37
N LEU A 34 13.02 -12.86 -9.42
CA LEU A 34 12.12 -12.70 -8.25
C LEU A 34 11.74 -14.07 -7.75
N PHE A 35 11.79 -14.22 -6.46
CA PHE A 35 11.32 -15.40 -5.78
C PHE A 35 10.08 -15.10 -4.90
N GLU A 36 8.97 -15.77 -5.22
CA GLU A 36 7.71 -15.72 -4.41
C GLU A 36 7.43 -17.06 -3.74
N ARG A 37 7.35 -17.03 -2.41
CA ARG A 37 7.00 -18.21 -1.60
C ARG A 37 5.71 -18.94 -2.03
N ALA A 38 4.59 -18.24 -2.20
CA ALA A 38 3.33 -18.86 -2.61
C ALA A 38 3.42 -19.63 -3.90
N SER A 39 2.58 -20.66 -4.06
CA SER A 39 2.66 -21.50 -5.27
C SER A 39 2.08 -20.82 -6.51
N GLU A 40 1.32 -19.73 -6.34
CA GLU A 40 0.93 -18.94 -7.50
C GLU A 40 0.88 -17.45 -7.14
N PHE A 41 0.96 -16.63 -8.17
CA PHE A 41 0.71 -15.21 -8.05
C PHE A 41 -0.77 -14.96 -7.92
N GLY A 42 -1.13 -13.99 -7.10
CA GLY A 42 -2.51 -13.72 -6.78
C GLY A 42 -2.65 -12.71 -5.66
N GLU A 43 -3.75 -11.95 -5.69
CA GLU A 43 -4.11 -11.08 -4.58
C GLU A 43 -5.60 -11.23 -4.21
N VAL A 44 -6.00 -10.53 -3.15
CA VAL A 44 -7.40 -10.55 -2.68
C VAL A 44 -8.31 -10.01 -3.78
N GLY A 45 -9.44 -10.67 -3.97
CA GLY A 45 -10.41 -10.23 -4.98
C GLY A 45 -11.28 -9.15 -4.40
N ALA A 46 -10.69 -8.19 -3.70
CA ALA A 46 -11.40 -7.04 -3.21
C ALA A 46 -10.66 -5.77 -3.68
N GLY A 47 -11.22 -4.60 -3.34
CA GLY A 47 -10.67 -3.36 -3.84
C GLY A 47 -9.40 -2.83 -3.13
N LEU A 48 -8.67 -2.00 -3.85
CA LEU A 48 -7.77 -1.00 -3.26
C LEU A 48 -7.95 0.30 -3.98
N GLN A 49 -7.46 1.34 -3.32
CA GLN A 49 -7.45 2.68 -3.86
C GLN A 49 -6.03 3.05 -4.25
N VAL A 50 -5.90 3.66 -5.39
CA VAL A 50 -4.63 4.09 -5.93
C VAL A 50 -4.76 5.56 -6.35
N GLY A 51 -4.19 6.40 -5.51
CA GLY A 51 -4.21 7.85 -5.80
C GLY A 51 -3.21 8.24 -6.88
N PRO A 52 -3.17 9.48 -7.27
CA PRO A 52 -2.36 9.87 -8.45
C PRO A 52 -0.86 9.69 -8.19
N HIS A 53 -0.43 9.72 -6.90
CA HIS A 53 0.93 9.40 -6.55
C HIS A 53 1.38 7.97 -6.99
N GLY A 54 0.43 7.01 -7.03
CA GLY A 54 0.63 5.73 -7.69
C GLY A 54 0.24 5.67 -9.14
N ALA A 55 -0.81 6.40 -9.52
CA ALA A 55 -1.29 6.29 -10.89
C ALA A 55 -0.31 6.83 -11.91
N ARG A 56 0.35 7.96 -11.60
CA ARG A 56 1.34 8.62 -12.46
C ARG A 56 2.47 7.59 -12.75
N ILE A 57 2.81 6.77 -11.77
CA ILE A 57 3.95 5.88 -11.89
C ILE A 57 3.52 4.75 -12.79
N LEU A 58 2.32 4.23 -12.54
CA LEU A 58 1.79 3.14 -13.48
C LEU A 58 1.76 3.65 -14.91
N ASP A 59 1.39 4.91 -15.13
CA ASP A 59 1.44 5.48 -16.47
C ASP A 59 2.85 5.54 -17.05
N SER A 60 3.82 5.90 -16.20
CA SER A 60 5.22 5.96 -16.63
C SER A 60 5.73 4.54 -17.10
N TRP A 61 5.15 3.45 -16.57
CA TRP A 61 5.52 2.08 -16.95
C TRP A 61 4.65 1.55 -18.09
N GLY A 62 3.70 2.37 -18.53
CA GLY A 62 2.87 2.06 -19.72
C GLY A 62 1.74 1.14 -19.41
N VAL A 63 1.44 0.86 -18.11
CA VAL A 63 0.38 -0.05 -17.68
C VAL A 63 -0.92 0.62 -17.20
N LEU A 64 -0.92 1.94 -17.04
CA LEU A 64 -2.11 2.67 -16.53
C LEU A 64 -3.37 2.46 -17.43
N ASP A 65 -3.27 2.73 -18.72
CA ASP A 65 -4.46 2.59 -19.57
C ASP A 65 -5.10 1.26 -19.43
N ASP A 66 -4.25 0.25 -19.45
CA ASP A 66 -4.74 -1.10 -19.27
C ASP A 66 -5.33 -1.36 -17.92
N VAL A 67 -4.68 -0.91 -16.84
CA VAL A 67 -5.27 -1.04 -15.49
C VAL A 67 -6.64 -0.33 -15.47
N LEU A 68 -6.75 0.86 -16.07
CA LEU A 68 -7.98 1.66 -16.01
C LEU A 68 -9.11 1.01 -16.76
N SER A 69 -8.77 0.31 -17.84
CA SER A 69 -9.81 -0.38 -18.59
C SER A 69 -10.67 -1.33 -17.72
N ARG A 70 -10.10 -1.81 -16.61
CA ARG A 70 -10.76 -2.66 -15.66
C ARG A 70 -10.97 -2.08 -14.22
N ALA A 71 -10.84 -0.76 -14.14
CA ALA A 71 -10.84 -0.06 -12.85
C ALA A 71 -12.12 0.79 -12.77
N PHE A 72 -12.27 1.55 -11.68
CA PHE A 72 -13.32 2.52 -11.63
C PHE A 72 -12.73 3.92 -11.29
N LEU A 73 -13.31 4.95 -11.88
CA LEU A 73 -12.83 6.37 -11.62
C LEU A 73 -13.88 7.09 -10.74
N PRO A 74 -13.67 7.12 -9.42
CA PRO A 74 -14.63 7.84 -8.56
C PRO A 74 -14.56 9.31 -8.81
N LYS A 75 -15.68 10.01 -8.63
CA LYS A 75 -15.76 11.43 -8.83
C LYS A 75 -15.27 12.23 -7.62
N ASN A 76 -15.40 11.65 -6.44
CA ASN A 76 -15.01 12.30 -5.16
C ASN A 76 -14.62 11.26 -4.12
N ILE A 77 -13.94 11.72 -3.08
CA ILE A 77 -13.86 11.03 -1.81
C ILE A 77 -14.83 11.82 -0.93
N VAL A 78 -15.73 11.10 -0.28
CA VAL A 78 -16.81 11.77 0.53
C VAL A 78 -16.73 11.24 1.91
N PHE A 79 -16.57 12.13 2.91
CA PHE A 79 -16.54 11.69 4.29
C PHE A 79 -17.92 12.06 4.87
N ARG A 80 -18.50 11.09 5.56
CA ARG A 80 -19.78 11.22 6.22
C ARG A 80 -19.67 10.82 7.65
N ASP A 81 -20.47 11.43 8.49
CA ASP A 81 -20.60 11.03 9.86
C ASP A 81 -21.28 9.65 9.96
N ALA A 82 -20.70 8.71 10.70
CA ALA A 82 -21.19 7.35 10.69
C ALA A 82 -22.50 7.24 11.51
N ILE A 83 -22.72 8.18 12.43
CA ILE A 83 -23.98 8.18 13.23
C ILE A 83 -25.17 8.80 12.51
N THR A 84 -24.97 9.96 11.89
CA THR A 84 -26.02 10.67 11.19
C THR A 84 -26.12 10.46 9.73
N ALA A 85 -25.06 9.94 9.11
CA ALA A 85 -24.88 9.87 7.63
C ALA A 85 -24.76 11.15 6.91
N GLU A 86 -24.65 12.22 7.63
CA GLU A 86 -24.49 13.51 7.01
C GLU A 86 -23.12 13.72 6.41
N VAL A 87 -23.09 14.37 5.27
CA VAL A 87 -21.85 14.66 4.62
C VAL A 87 -21.06 15.65 5.46
N LEU A 88 -19.83 15.34 5.65
CA LEU A 88 -18.88 16.25 6.33
C LEU A 88 -18.08 17.07 5.33
N THR A 89 -17.44 16.40 4.37
CA THR A 89 -16.75 17.12 3.32
C THR A 89 -16.48 16.20 2.16
N LYS A 90 -16.14 16.77 1.05
CA LYS A 90 -15.71 16.00 -0.14
C LYS A 90 -14.38 16.51 -0.65
N ILE A 91 -13.58 15.56 -1.14
CA ILE A 91 -12.40 15.87 -1.98
C ILE A 91 -12.77 15.61 -3.45
N ASP A 92 -12.77 16.62 -4.27
CA ASP A 92 -13.18 16.51 -5.68
C ASP A 92 -11.97 15.84 -6.44
N LEU A 93 -12.27 14.82 -7.20
CA LEU A 93 -11.24 14.10 -7.94
C LEU A 93 -11.28 14.37 -9.41
N GLY A 94 -11.80 15.54 -9.78
CA GLY A 94 -11.97 15.94 -11.14
C GLY A 94 -10.75 16.49 -11.84
N SER A 95 -10.98 17.17 -12.97
CA SER A 95 -9.86 17.54 -13.85
C SER A 95 -8.81 18.50 -13.20
N GLU A 96 -9.28 19.34 -12.28
CA GLU A 96 -8.36 20.24 -11.57
C GLU A 96 -7.44 19.40 -10.67
N PHE A 97 -8.03 18.44 -9.98
CA PHE A 97 -7.25 17.48 -9.12
C PHE A 97 -6.24 16.75 -10.02
N ARG A 98 -6.70 16.23 -11.17
CA ARG A 98 -5.85 15.41 -12.03
C ARG A 98 -4.73 16.23 -12.62
N GLY A 99 -5.01 17.45 -12.98
CA GLY A 99 -3.98 18.39 -13.48
C GLY A 99 -2.94 18.66 -12.44
N ARG A 100 -3.34 18.84 -11.17
CA ARG A 100 -2.42 19.24 -10.11
C ARG A 100 -1.49 18.10 -9.76
N TYR A 101 -2.03 16.88 -9.75
CA TYR A 101 -1.31 15.75 -9.24
C TYR A 101 -0.72 14.80 -10.31
N GLY A 102 -1.01 15.10 -11.55
CA GLY A 102 -0.40 14.37 -12.70
C GLY A 102 -1.09 13.06 -13.06
N GLY A 103 -2.31 12.79 -12.56
CA GLY A 103 -2.97 11.54 -12.77
C GLY A 103 -4.27 11.41 -12.01
N PRO A 104 -5.05 10.36 -12.36
CA PRO A 104 -6.31 10.05 -11.71
C PRO A 104 -6.16 9.39 -10.31
N TYR A 105 -7.12 9.60 -9.41
CA TYR A 105 -7.37 8.75 -8.27
C TYR A 105 -8.30 7.65 -8.78
N PHE A 106 -7.91 6.38 -8.74
CA PHE A 106 -8.78 5.31 -9.22
C PHE A 106 -8.86 4.23 -8.10
N VAL A 107 -9.78 3.28 -8.32
CA VAL A 107 -9.90 2.14 -7.47
C VAL A 107 -10.06 0.92 -8.43
N THR A 108 -9.54 -0.19 -7.99
CA THR A 108 -9.62 -1.41 -8.75
C THR A 108 -9.52 -2.63 -7.90
N HIS A 109 -9.66 -3.81 -8.52
CA HIS A 109 -9.38 -4.97 -7.70
C HIS A 109 -7.90 -5.14 -7.49
N ARG A 110 -7.50 -5.57 -6.28
CA ARG A 110 -6.14 -5.86 -5.94
C ARG A 110 -5.67 -6.97 -6.86
N SER A 111 -6.54 -7.91 -7.17
CA SER A 111 -6.12 -9.09 -7.90
C SER A 111 -5.77 -8.64 -9.30
N ASP A 112 -6.55 -7.72 -9.85
CA ASP A 112 -6.23 -7.30 -11.21
C ASP A 112 -4.97 -6.47 -11.27
N LEU A 113 -4.79 -5.53 -10.31
CA LEU A 113 -3.59 -4.72 -10.36
C LEU A 113 -2.34 -5.59 -10.25
N HIS A 114 -2.32 -6.52 -9.32
CA HIS A 114 -1.22 -7.38 -9.13
C HIS A 114 -0.94 -8.21 -10.42
N ALA A 115 -1.99 -8.76 -11.05
CA ALA A 115 -1.79 -9.62 -12.20
C ALA A 115 -1.24 -8.80 -13.37
N THR A 116 -1.72 -7.57 -13.50
CA THR A 116 -1.28 -6.69 -14.55
C THR A 116 0.24 -6.34 -14.37
N LEU A 117 0.64 -6.01 -13.14
CA LEU A 117 2.07 -5.77 -12.88
C LEU A 117 2.94 -7.02 -13.17
N VAL A 118 2.54 -8.18 -12.67
CA VAL A 118 3.23 -9.46 -12.95
C VAL A 118 3.45 -9.71 -14.43
N ASP A 119 2.36 -9.63 -15.16
CA ASP A 119 2.35 -9.84 -16.60
C ASP A 119 3.26 -8.82 -17.30
N ALA A 120 3.26 -7.56 -16.84
CA ALA A 120 4.06 -6.54 -17.49
C ALA A 120 5.51 -6.80 -17.13
N ALA A 121 5.75 -7.32 -15.91
CA ALA A 121 7.09 -7.55 -15.47
C ALA A 121 7.63 -8.71 -16.32
N ARG A 122 6.77 -9.66 -16.55
CA ARG A 122 7.18 -10.82 -17.45
C ARG A 122 7.51 -10.32 -18.84
N ALA A 123 6.62 -9.48 -19.37
CA ALA A 123 6.83 -8.85 -20.72
C ALA A 123 8.14 -8.08 -20.91
N ALA A 124 8.60 -7.46 -19.82
CA ALA A 124 9.75 -6.59 -19.85
C ALA A 124 11.03 -7.38 -19.60
N GLY A 125 10.88 -8.68 -19.31
CA GLY A 125 12.02 -9.63 -19.21
C GLY A 125 12.37 -10.15 -17.82
N ALA A 126 11.56 -9.79 -16.82
CA ALA A 126 11.76 -10.30 -15.45
C ALA A 126 11.45 -11.72 -15.35
N GLU A 127 12.30 -12.46 -14.62
CA GLU A 127 12.19 -13.91 -14.41
C GLU A 127 11.54 -14.16 -13.06
N LEU A 128 10.27 -14.55 -13.06
CA LEU A 128 9.54 -14.71 -11.82
C LEU A 128 9.36 -16.13 -11.48
N HIS A 129 9.61 -16.48 -10.23
CA HIS A 129 9.58 -17.85 -9.74
C HIS A 129 8.61 -17.99 -8.57
N THR A 130 7.58 -18.78 -8.79
CA THR A 130 6.68 -19.04 -7.71
C THR A 130 7.15 -20.29 -6.99
N GLY A 131 6.64 -20.45 -5.77
CA GLY A 131 6.95 -21.58 -4.95
C GLY A 131 8.37 -21.65 -4.51
N VAL A 132 9.02 -20.49 -4.34
CA VAL A 132 10.40 -20.48 -3.88
C VAL A 132 10.48 -19.46 -2.77
N THR A 133 11.00 -19.92 -1.62
CA THR A 133 11.18 -19.10 -0.42
C THR A 133 12.66 -18.69 -0.24
N VAL A 134 12.90 -17.37 -0.09
CA VAL A 134 14.24 -16.90 0.28
C VAL A 134 14.49 -17.10 1.78
N THR A 135 15.53 -17.85 2.11
CA THR A 135 15.82 -18.19 3.51
C THR A 135 16.91 -17.36 4.16
N ASP A 136 17.72 -16.65 3.39
CA ASP A 136 18.77 -15.82 3.95
C ASP A 136 19.31 -14.96 2.84
N VAL A 137 19.85 -13.81 3.21
CA VAL A 137 20.53 -12.89 2.32
C VAL A 137 21.74 -12.32 3.11
N ILE A 138 22.94 -12.43 2.53
CA ILE A 138 24.15 -11.88 3.12
C ILE A 138 24.83 -11.06 2.04
N THR A 139 25.74 -10.19 2.41
CA THR A 139 26.64 -9.50 1.45
C THR A 139 28.08 -9.96 1.63
N GLU A 140 28.72 -10.34 0.54
CA GLU A 140 30.09 -10.82 0.55
C GLU A 140 30.76 -10.07 -0.57
N GLY A 141 31.79 -9.33 -0.23
CA GLY A 141 32.46 -8.48 -1.21
C GLY A 141 31.43 -7.55 -1.86
N ASP A 142 31.30 -7.57 -3.19
CA ASP A 142 30.45 -6.60 -3.92
C ASP A 142 29.21 -7.32 -4.45
N LYS A 143 28.82 -8.39 -3.77
CA LYS A 143 27.63 -9.17 -4.12
C LYS A 143 26.72 -9.47 -2.95
N ALA A 144 25.44 -9.55 -3.25
CA ALA A 144 24.44 -10.14 -2.36
C ALA A 144 24.37 -11.58 -2.66
N ILE A 145 24.40 -12.43 -1.63
CA ILE A 145 24.31 -13.87 -1.81
C ILE A 145 22.98 -14.29 -1.23
N VAL A 146 22.07 -14.83 -2.05
CA VAL A 146 20.71 -15.10 -1.62
C VAL A 146 20.54 -16.63 -1.54
N SER A 147 19.98 -17.10 -0.43
CA SER A 147 19.72 -18.55 -0.21
C SER A 147 18.23 -18.88 -0.36
N THR A 148 17.89 -19.99 -1.01
CA THR A 148 16.50 -20.34 -1.25
C THR A 148 16.25 -21.72 -0.63
N ASP A 149 14.99 -22.08 -0.45
CA ASP A 149 14.63 -23.33 0.30
C ASP A 149 14.91 -24.65 -0.40
N ASP A 150 15.16 -24.62 -1.69
CA ASP A 150 15.63 -25.79 -2.44
C ASP A 150 17.13 -26.07 -2.27
N GLY A 151 17.80 -25.43 -1.30
CA GLY A 151 19.25 -25.64 -1.08
C GLY A 151 20.25 -24.80 -1.90
N ARG A 152 19.76 -23.96 -2.82
CA ARG A 152 20.61 -23.24 -3.76
C ARG A 152 20.98 -21.85 -3.22
N THR A 153 22.08 -21.30 -3.74
CA THR A 153 22.49 -19.93 -3.45
C THR A 153 22.67 -19.22 -4.75
N HIS A 154 22.35 -17.92 -4.74
CA HIS A 154 22.29 -17.18 -5.93
C HIS A 154 23.01 -15.91 -5.68
N GLU A 155 23.76 -15.47 -6.67
CA GLU A 155 24.50 -14.23 -6.55
C GLU A 155 23.84 -13.09 -7.35
N ALA A 156 23.86 -11.89 -6.82
CA ALA A 156 23.31 -10.74 -7.52
C ALA A 156 24.03 -9.51 -7.07
N ASP A 157 23.88 -8.44 -7.84
CA ASP A 157 24.50 -7.21 -7.41
C ASP A 157 23.82 -6.56 -6.18
N ILE A 158 22.51 -6.68 -6.08
CA ILE A 158 21.73 -6.25 -4.92
C ILE A 158 20.56 -7.21 -4.74
N ALA A 159 19.99 -7.24 -3.54
CA ALA A 159 18.77 -7.96 -3.23
C ALA A 159 17.77 -7.02 -2.60
N LEU A 160 16.52 -7.19 -3.00
CA LEU A 160 15.39 -6.45 -2.42
C LEU A 160 14.64 -7.33 -1.42
N GLY A 161 14.63 -6.90 -0.17
CA GLY A 161 13.80 -7.59 0.86
C GLY A 161 12.39 -7.10 0.84
N MET A 162 11.49 -7.79 0.13
CA MET A 162 10.13 -7.34 -0.11
C MET A 162 9.14 -8.37 0.41
N ASP A 163 9.41 -8.83 1.60
CA ASP A 163 8.66 -9.93 2.17
C ASP A 163 7.58 -9.50 3.18
N GLY A 164 7.08 -8.28 3.06
CA GLY A 164 5.82 -7.91 3.68
C GLY A 164 5.92 -7.47 5.15
N LEU A 165 4.75 -7.27 5.74
CA LEU A 165 4.63 -6.91 7.15
C LEU A 165 5.33 -7.80 8.13
N LYS A 166 5.24 -9.10 7.90
CA LYS A 166 5.93 -10.08 8.76
C LYS A 166 7.34 -10.45 8.30
N SER A 167 7.95 -9.57 7.51
CA SER A 167 9.31 -9.73 7.04
C SER A 167 10.24 -10.35 8.01
N ARG A 168 10.79 -11.49 7.60
CA ARG A 168 11.95 -12.00 8.28
C ARG A 168 13.27 -11.34 7.88
N LEU A 169 13.44 -10.95 6.64
CA LEU A 169 14.70 -10.28 6.24
C LEU A 169 14.89 -8.95 6.99
N ARG A 170 13.79 -8.31 7.42
CA ARG A 170 13.93 -7.06 8.23
C ARG A 170 14.70 -7.27 9.51
N GLU A 171 14.69 -8.52 10.03
CA GLU A 171 15.46 -8.87 11.24
C GLU A 171 16.99 -8.70 11.14
N LYS A 172 17.54 -8.67 9.92
CA LYS A 172 18.93 -8.35 9.68
C LYS A 172 19.24 -6.96 10.19
N ILE A 173 18.22 -6.10 10.21
CA ILE A 173 18.40 -4.63 10.54
C ILE A 173 17.69 -4.22 11.82
N SER A 174 16.54 -4.79 12.08
CA SER A 174 15.74 -4.35 13.26
C SER A 174 15.03 -5.51 13.87
N GLY A 175 15.09 -5.58 15.20
CA GLY A 175 14.38 -6.58 15.98
C GLY A 175 12.98 -6.25 16.44
N ASP A 176 12.39 -5.23 15.84
CA ASP A 176 11.08 -4.74 16.23
C ASP A 176 10.01 -5.74 15.84
N GLU A 177 8.89 -5.67 16.55
CA GLU A 177 7.73 -6.45 16.20
C GLU A 177 6.61 -5.56 15.68
N PRO A 178 5.66 -6.14 14.90
CA PRO A 178 4.46 -5.33 14.54
C PRO A 178 3.71 -4.77 15.78
N VAL A 179 3.13 -3.60 15.64
CA VAL A 179 2.46 -2.81 16.68
C VAL A 179 0.99 -2.87 16.34
N SER A 180 0.21 -3.44 17.24
CA SER A 180 -1.20 -3.49 17.08
C SER A 180 -1.86 -2.14 17.22
N SER A 181 -2.69 -1.78 16.26
CA SER A 181 -3.55 -0.61 16.32
C SER A 181 -4.79 -0.82 17.19
N GLY A 182 -5.12 -2.06 17.44
CA GLY A 182 -6.35 -2.43 18.09
C GLY A 182 -7.59 -2.37 17.27
N TYR A 183 -7.45 -2.11 15.97
CA TYR A 183 -8.53 -2.04 15.05
C TYR A 183 -8.40 -3.24 14.10
N ALA A 184 -9.54 -3.76 13.66
CA ALA A 184 -9.55 -4.77 12.62
C ALA A 184 -10.32 -4.32 11.43
N ALA A 185 -9.95 -4.88 10.27
CA ALA A 185 -10.67 -4.58 9.02
C ALA A 185 -11.32 -5.84 8.40
N TYR A 186 -12.56 -5.68 7.94
CA TYR A 186 -13.32 -6.69 7.17
C TYR A 186 -13.57 -6.13 5.79
N ARG A 187 -13.57 -7.00 4.79
CA ARG A 187 -13.90 -6.59 3.46
C ARG A 187 -15.11 -7.38 2.93
N GLY A 188 -15.66 -6.86 1.86
CA GLY A 188 -16.66 -7.52 1.10
C GLY A 188 -16.79 -6.91 -0.25
N THR A 189 -17.11 -7.72 -1.24
CA THR A 189 -17.72 -7.12 -2.37
C THR A 189 -19.08 -7.67 -2.59
N THR A 190 -19.90 -6.86 -3.18
CA THR A 190 -21.19 -7.40 -3.44
C THR A 190 -21.52 -6.95 -4.80
N PRO A 191 -22.09 -7.89 -5.59
CA PRO A 191 -22.64 -7.43 -6.83
C PRO A 191 -23.36 -6.20 -6.51
N TYR A 192 -23.25 -5.20 -7.39
CA TYR A 192 -23.76 -3.86 -7.01
C TYR A 192 -25.17 -3.93 -6.58
N GLU A 199 -29.02 7.37 -2.99
CA GLU A 199 -28.88 5.98 -2.62
C GLU A 199 -27.71 5.40 -3.39
N ASP A 200 -27.64 5.64 -4.71
CA ASP A 200 -26.48 5.21 -5.55
C ASP A 200 -25.08 5.80 -5.19
N ILE A 201 -24.02 5.04 -5.49
CA ILE A 201 -22.62 5.39 -5.16
C ILE A 201 -21.74 5.49 -6.40
N GLU A 202 -21.13 6.66 -6.67
CA GLU A 202 -20.12 6.84 -7.73
C GLU A 202 -18.82 7.46 -7.15
N ASP A 203 -18.71 7.41 -5.84
CA ASP A 203 -17.62 8.02 -5.10
C ASP A 203 -16.98 6.95 -4.17
N VAL A 204 -15.82 7.28 -3.59
CA VAL A 204 -15.32 6.63 -2.43
C VAL A 204 -16.04 7.31 -1.26
N VAL A 205 -16.73 6.53 -0.44
CA VAL A 205 -17.45 7.08 0.71
C VAL A 205 -16.83 6.50 1.91
N GLY A 206 -16.52 7.37 2.88
CA GLY A 206 -16.03 6.93 4.17
C GLY A 206 -16.89 7.47 5.31
N TYR A 207 -17.60 6.55 5.99
CA TYR A 207 -18.34 6.89 7.18
C TYR A 207 -17.46 6.74 8.37
N ILE A 208 -17.33 7.83 9.16
CA ILE A 208 -16.36 7.92 10.23
C ILE A 208 -17.16 8.16 11.51
N GLY A 209 -16.94 7.29 12.48
CA GLY A 209 -17.71 7.30 13.73
C GLY A 209 -16.89 6.99 14.93
N PRO A 210 -17.52 7.07 16.12
CA PRO A 210 -16.82 6.69 17.37
C PRO A 210 -16.32 5.25 17.29
N ARG A 211 -15.00 5.07 17.30
CA ARG A 211 -14.32 3.75 17.30
C ARG A 211 -14.70 2.86 16.12
N CYS A 212 -15.11 3.44 15.03
CA CYS A 212 -15.41 2.69 13.88
C CYS A 212 -15.55 3.53 12.63
N SER A 213 -15.33 2.87 11.50
CA SER A 213 -15.50 3.46 10.20
C SER A 213 -15.94 2.42 9.19
N PHE A 214 -16.48 2.90 8.07
CA PHE A 214 -17.06 2.04 7.04
C PHE A 214 -16.88 2.73 5.71
N ILE A 215 -16.22 2.05 4.79
CA ILE A 215 -15.83 2.58 3.50
C ILE A 215 -16.49 1.82 2.39
N GLN A 216 -17.00 2.52 1.39
CA GLN A 216 -17.63 1.92 0.23
C GLN A 216 -17.11 2.58 -1.09
N TYR A 217 -16.88 1.79 -2.15
CA TYR A 217 -16.64 2.36 -3.43
C TYR A 217 -16.94 1.37 -4.53
N PRO A 218 -17.34 1.88 -5.68
CA PRO A 218 -17.62 0.94 -6.82
C PRO A 218 -16.35 0.40 -7.44
N LEU A 219 -16.48 -0.74 -8.11
CA LEU A 219 -15.37 -1.37 -8.81
C LEU A 219 -15.91 -1.73 -10.16
N ARG A 220 -14.98 -1.94 -11.09
CA ARG A 220 -15.20 -2.53 -12.37
C ARG A 220 -16.39 -1.89 -13.05
N GLY A 221 -16.25 -0.63 -13.43
CA GLY A 221 -17.33 0.05 -14.09
C GLY A 221 -18.68 0.11 -13.36
N GLY A 222 -18.65 0.07 -12.05
CA GLY A 222 -19.86 0.24 -11.28
C GLY A 222 -20.69 -1.02 -11.03
N GLU A 223 -20.26 -2.18 -11.50
CA GLU A 223 -20.98 -3.43 -11.30
C GLU A 223 -20.92 -4.02 -9.90
N MET A 224 -19.80 -3.81 -9.23
CA MET A 224 -19.61 -4.36 -7.92
C MET A 224 -19.34 -3.19 -6.99
N LEU A 225 -19.70 -3.37 -5.72
CA LEU A 225 -19.39 -2.40 -4.69
C LEU A 225 -18.46 -3.05 -3.73
N ASN A 226 -17.35 -2.35 -3.45
CA ASN A 226 -16.40 -2.77 -2.45
C ASN A 226 -16.82 -2.15 -1.12
N GLN A 227 -16.79 -2.92 -0.03
CA GLN A 227 -17.15 -2.47 1.31
C GLN A 227 -16.08 -2.88 2.32
N VAL A 228 -15.73 -1.96 3.23
CA VAL A 228 -14.68 -2.25 4.21
C VAL A 228 -15.12 -1.69 5.56
N ALA A 229 -15.09 -2.53 6.56
CA ALA A 229 -15.43 -2.11 7.91
C ALA A 229 -14.17 -2.14 8.77
N VAL A 230 -13.87 -1.02 9.44
CA VAL A 230 -12.75 -0.86 10.35
C VAL A 230 -13.27 -0.49 11.72
N PHE A 231 -12.94 -1.25 12.74
CA PHE A 231 -13.49 -1.02 14.04
C PHE A 231 -12.55 -1.38 15.15
N GLU A 232 -12.75 -0.72 16.30
CA GLU A 232 -11.96 -0.98 17.45
C GLU A 232 -12.40 -2.29 18.13
N SER A 233 -11.49 -3.20 18.24
CA SER A 233 -11.80 -4.52 18.81
C SER A 233 -11.71 -4.53 20.35
N PRO A 234 -12.83 -4.86 21.07
CA PRO A 234 -12.65 -4.94 22.50
C PRO A 234 -11.85 -6.16 22.91
N GLY A 235 -11.87 -7.18 22.06
CA GLY A 235 -11.04 -8.34 22.37
C GLY A 235 -9.55 -8.05 22.40
N PHE A 236 -9.11 -7.18 21.52
CA PHE A 236 -7.69 -6.82 21.57
C PHE A 236 -7.26 -6.34 22.94
N LYS A 237 -8.05 -5.45 23.52
CA LYS A 237 -7.69 -4.82 24.77
C LYS A 237 -7.85 -5.82 25.88
N ASN A 238 -8.75 -6.78 25.67
CA ASN A 238 -8.97 -7.84 26.64
C ASN A 238 -8.00 -8.98 26.53
N GLY A 239 -7.07 -8.91 25.56
CA GLY A 239 -5.98 -9.89 25.49
C GLY A 239 -6.22 -11.17 24.72
N ILE A 240 -7.30 -11.18 23.95
CA ILE A 240 -7.57 -12.25 22.98
C ILE A 240 -6.46 -12.38 21.95
N GLU A 241 -6.08 -13.62 21.65
CA GLU A 241 -4.92 -13.88 20.80
C GLU A 241 -5.30 -13.63 19.36
N ASN A 242 -6.42 -14.22 18.93
CA ASN A 242 -6.92 -14.05 17.58
C ASN A 242 -8.05 -13.06 17.63
N TRP A 243 -7.67 -11.84 17.88
CA TRP A 243 -8.66 -10.79 18.15
C TRP A 243 -9.32 -10.21 16.88
N GLY A 244 -10.48 -9.56 17.04
CA GLY A 244 -11.24 -8.93 15.96
C GLY A 244 -12.18 -9.80 15.19
N GLY A 245 -12.52 -10.98 15.73
CA GLY A 245 -13.49 -11.78 15.07
C GLY A 245 -14.92 -11.27 14.94
N PRO A 246 -15.70 -11.95 14.08
CA PRO A 246 -16.91 -11.34 13.54
C PRO A 246 -18.00 -11.26 14.56
N GLU A 247 -17.87 -12.00 15.67
CA GLU A 247 -18.79 -11.80 16.80
C GLU A 247 -18.78 -10.37 17.33
N GLU A 248 -17.73 -9.61 17.02
CA GLU A 248 -17.57 -8.26 17.52
C GLU A 248 -18.27 -7.20 16.61
N LEU A 249 -18.65 -7.57 15.40
CA LEU A 249 -19.12 -6.53 14.41
C LEU A 249 -20.47 -5.90 14.80
N GLU A 250 -21.49 -6.72 15.22
CA GLU A 250 -22.77 -6.17 15.60
C GLU A 250 -22.66 -5.08 16.68
N GLN A 251 -21.97 -5.35 17.77
CA GLN A 251 -21.85 -4.33 18.82
C GLN A 251 -21.01 -3.14 18.35
N ALA A 252 -19.97 -3.39 17.55
CA ALA A 252 -19.09 -2.29 17.10
C ALA A 252 -19.85 -1.22 16.34
N TYR A 253 -20.91 -1.63 15.63
CA TYR A 253 -21.60 -0.71 14.75
C TYR A 253 -23.00 -0.32 15.23
N ALA A 254 -23.34 -0.73 16.46
CA ALA A 254 -24.77 -0.66 16.87
C ALA A 254 -25.29 0.77 16.95
N HIS A 255 -24.37 1.65 17.28
CA HIS A 255 -24.60 3.11 17.47
C HIS A 255 -24.62 3.93 16.17
N CYS A 256 -24.29 3.29 15.04
CA CYS A 256 -24.25 3.93 13.71
C CYS A 256 -25.57 3.97 12.96
N HIS A 257 -25.58 4.80 11.93
CA HIS A 257 -26.70 4.95 11.02
C HIS A 257 -27.02 3.58 10.35
N GLU A 258 -28.30 3.37 10.05
CA GLU A 258 -28.75 2.27 9.16
C GLU A 258 -27.92 2.01 7.88
N ASN A 259 -27.52 3.04 7.09
CA ASN A 259 -26.73 2.92 5.86
C ASN A 259 -25.45 2.08 6.16
N VAL A 260 -24.88 2.29 7.33
CA VAL A 260 -23.66 1.62 7.76
C VAL A 260 -24.00 0.24 8.27
N ARG A 261 -24.97 0.15 9.18
CA ARG A 261 -25.43 -1.18 9.67
C ARG A 261 -25.88 -2.16 8.58
N ARG A 262 -26.58 -1.69 7.58
CA ARG A 262 -26.90 -2.54 6.44
C ARG A 262 -25.62 -3.09 5.79
N GLY A 263 -24.59 -2.23 5.66
CA GLY A 263 -23.38 -2.62 4.97
C GLY A 263 -22.69 -3.79 5.61
N ILE A 264 -22.73 -3.85 6.93
CA ILE A 264 -22.02 -4.87 7.65
C ILE A 264 -22.51 -6.25 7.19
N ASP A 265 -23.78 -6.34 6.75
CA ASP A 265 -24.33 -7.67 6.36
C ASP A 265 -23.66 -8.29 5.12
N TYR A 266 -22.90 -7.51 4.38
CA TYR A 266 -22.26 -7.96 3.15
C TYR A 266 -20.83 -8.34 3.31
N LEU A 267 -20.28 -8.14 4.48
CA LEU A 267 -18.87 -8.29 4.62
C LEU A 267 -18.62 -9.78 4.48
N TRP A 268 -17.49 -10.19 3.92
CA TRP A 268 -17.06 -11.59 4.08
C TRP A 268 -16.70 -11.71 5.55
N LYS A 269 -17.21 -12.74 6.24
CA LYS A 269 -16.92 -12.98 7.70
C LYS A 269 -16.00 -14.10 8.05
N ASP A 270 -15.51 -14.85 7.07
CA ASP A 270 -14.67 -15.97 7.36
C ASP A 270 -13.21 -15.58 7.46
N ARG A 271 -12.89 -14.29 7.34
CA ARG A 271 -11.50 -13.84 7.21
C ARG A 271 -11.56 -12.35 7.56
N TRP A 272 -10.54 -11.89 8.22
CA TRP A 272 -10.40 -10.47 8.51
C TRP A 272 -8.93 -10.08 8.59
N TRP A 273 -8.69 -8.76 8.72
CA TRP A 273 -7.32 -8.19 8.71
C TRP A 273 -7.12 -7.32 9.94
N PRO A 274 -6.62 -7.93 11.02
CA PRO A 274 -6.26 -7.18 12.23
C PRO A 274 -5.14 -6.19 11.82
N MET A 275 -5.27 -4.93 12.22
CA MET A 275 -4.46 -3.90 11.62
C MET A 275 -3.26 -3.60 12.50
N TYR A 276 -2.10 -3.91 11.95
CA TYR A 276 -0.82 -3.63 12.56
C TYR A 276 0.04 -2.78 11.65
N ASP A 277 0.95 -2.00 12.26
CA ASP A 277 2.02 -1.29 11.50
C ASP A 277 3.30 -1.50 12.22
N ARG A 278 4.35 -0.74 11.90
CA ARG A 278 5.55 -0.82 12.64
C ARG A 278 5.94 0.62 12.92
N GLU A 279 6.75 0.76 13.98
CA GLU A 279 7.38 2.06 14.25
C GLU A 279 8.32 2.39 13.08
N PRO A 280 8.36 3.69 12.67
CA PRO A 280 9.24 4.07 11.54
C PRO A 280 10.70 3.80 11.87
N ILE A 281 11.45 3.32 10.88
CA ILE A 281 12.92 3.16 10.94
C ILE A 281 13.56 3.95 9.81
N GLU A 282 14.72 4.53 10.15
CA GLU A 282 15.39 5.37 9.13
C GLU A 282 16.22 4.53 8.16
N ASN A 283 16.93 3.56 8.67
CA ASN A 283 17.83 2.70 7.88
C ASN A 283 17.19 1.43 7.38
N TRP A 284 17.20 1.23 6.04
CA TRP A 284 16.60 0.09 5.38
C TRP A 284 17.59 -0.84 4.73
N VAL A 285 18.83 -0.47 4.83
CA VAL A 285 19.90 -1.10 4.07
C VAL A 285 20.82 -1.92 4.95
N ASP A 286 21.11 -3.16 4.46
CA ASP A 286 22.11 -4.04 5.07
C ASP A 286 23.06 -4.51 3.94
N GLY A 287 24.15 -3.80 3.73
CA GLY A 287 25.15 -4.09 2.68
C GLY A 287 24.52 -3.85 1.34
N ARG A 288 24.26 -4.93 0.60
CA ARG A 288 23.66 -4.86 -0.73
C ARG A 288 22.23 -5.38 -0.73
N MET A 289 21.63 -5.46 0.46
CA MET A 289 20.19 -5.65 0.57
CA MET A 289 20.20 -5.69 0.63
C MET A 289 19.48 -4.39 1.03
N ILE A 290 18.35 -4.09 0.41
CA ILE A 290 17.49 -3.03 0.88
C ILE A 290 16.08 -3.56 1.10
N LEU A 291 15.47 -3.19 2.20
CA LEU A 291 14.09 -3.49 2.51
C LEU A 291 13.23 -2.49 1.78
N LEU A 292 12.23 -2.92 1.05
CA LEU A 292 11.26 -2.02 0.44
C LEU A 292 9.85 -2.53 0.66
N GLY A 293 8.90 -1.70 0.28
CA GLY A 293 7.47 -2.01 0.51
C GLY A 293 7.20 -2.19 2.00
N ASP A 294 6.20 -3.04 2.30
CA ASP A 294 5.81 -3.25 3.72
C ASP A 294 6.94 -3.75 4.60
N ALA A 295 7.95 -4.45 4.03
CA ALA A 295 9.06 -4.94 4.83
C ALA A 295 9.78 -3.75 5.45
N ALA A 296 9.77 -2.57 4.77
CA ALA A 296 10.46 -1.37 5.22
C ALA A 296 9.49 -0.43 6.01
N HIS A 297 8.24 -0.31 5.53
CA HIS A 297 7.34 0.73 5.99
C HIS A 297 5.86 0.32 5.95
N PRO A 298 5.44 -0.64 6.79
CA PRO A 298 4.05 -1.14 6.73
C PRO A 298 3.16 -0.11 7.49
N PRO A 299 2.20 0.49 6.83
CA PRO A 299 1.33 1.50 7.44
C PRO A 299 0.01 0.90 7.97
N LEU A 300 -0.75 1.71 8.71
CA LEU A 300 -2.16 1.46 8.89
C LEU A 300 -2.80 2.11 7.69
N GLN A 301 -3.94 1.64 7.32
CA GLN A 301 -4.43 1.88 5.99
C GLN A 301 -5.19 3.17 5.75
N TYR A 302 -5.26 4.08 6.74
CA TYR A 302 -6.08 5.26 6.59
C TYR A 302 -5.74 6.25 5.44
N LEU A 303 -4.48 6.25 4.94
CA LEU A 303 -4.05 7.06 3.83
C LEU A 303 -4.09 6.31 2.49
N ALA A 304 -4.51 5.07 2.59
CA ALA A 304 -4.69 4.25 1.41
C ALA A 304 -3.48 4.31 0.46
N SER A 305 -2.29 4.17 1.03
CA SER A 305 -1.02 4.37 0.35
C SER A 305 0.05 3.31 0.59
N GLY A 306 -0.25 2.16 1.24
CA GLY A 306 0.79 1.13 1.41
C GLY A 306 1.29 0.59 0.09
N ALA A 307 0.37 0.07 -0.74
CA ALA A 307 0.78 -0.42 -2.02
C ALA A 307 1.36 0.67 -2.91
N VAL A 308 0.81 1.88 -2.75
CA VAL A 308 1.30 3.03 -3.48
C VAL A 308 2.77 3.29 -3.13
N MET A 309 3.07 3.30 -1.83
CA MET A 309 4.46 3.48 -1.37
C MET A 309 5.43 2.47 -2.02
N ALA A 310 4.98 1.22 -2.11
CA ALA A 310 5.76 0.17 -2.71
C ALA A 310 6.02 0.41 -4.19
N ILE A 311 5.00 0.92 -4.85
CA ILE A 311 5.12 1.30 -6.23
C ILE A 311 6.07 2.50 -6.36
N GLU A 312 5.93 3.49 -5.46
CA GLU A 312 6.94 4.55 -5.43
C GLU A 312 8.36 4.10 -5.18
N ASP A 313 8.55 3.12 -4.29
CA ASP A 313 9.83 2.56 -4.04
C ASP A 313 10.47 2.02 -5.34
N ALA A 314 9.67 1.29 -6.12
CA ALA A 314 10.12 0.76 -7.40
C ALA A 314 10.55 1.84 -8.39
N LYS A 315 9.78 2.88 -8.56
CA LYS A 315 10.15 3.95 -9.47
C LYS A 315 11.47 4.60 -8.99
N CYS A 316 11.51 4.94 -7.70
CA CYS A 316 12.73 5.57 -7.19
C CYS A 316 13.99 4.70 -7.41
N LEU A 317 13.93 3.44 -6.97
CA LEU A 317 15.08 2.57 -7.16
C LEU A 317 15.52 2.45 -8.60
N ALA A 318 14.56 2.17 -9.48
CA ALA A 318 14.92 2.02 -10.88
C ALA A 318 15.47 3.30 -11.50
N ASP A 319 14.84 4.41 -11.20
CA ASP A 319 15.31 5.71 -11.70
C ASP A 319 16.72 6.08 -11.18
N TYR A 320 16.90 6.06 -9.85
CA TYR A 320 18.16 6.41 -9.27
C TYR A 320 19.27 5.44 -9.74
N ALA A 321 18.95 4.18 -9.88
CA ALA A 321 19.97 3.19 -10.28
C ALA A 321 20.36 3.43 -11.75
N ALA A 322 19.36 3.61 -12.61
CA ALA A 322 19.63 3.89 -14.06
C ALA A 322 20.46 5.17 -14.23
N GLU A 323 20.22 6.15 -13.40
CA GLU A 323 21.02 7.37 -13.38
C GLU A 323 22.49 7.11 -12.99
N ASP A 324 22.72 6.31 -11.94
CA ASP A 324 24.06 6.20 -11.38
C ASP A 324 24.86 5.05 -11.97
N PHE A 325 24.19 3.97 -12.30
CA PHE A 325 24.88 2.73 -12.73
C PHE A 325 25.62 2.87 -14.07
N SER A 326 25.05 3.69 -14.96
CA SER A 326 25.64 3.89 -16.30
C SER A 326 27.02 4.51 -16.26
N THR A 327 27.29 5.36 -15.27
CA THR A 327 28.62 5.93 -15.04
C THR A 327 29.46 5.12 -14.03
N GLY A 328 28.89 4.61 -12.93
CA GLY A 328 29.69 3.90 -11.90
C GLY A 328 29.68 2.35 -11.91
N GLY A 329 28.82 1.75 -12.70
CA GLY A 329 28.65 0.30 -12.74
C GLY A 329 28.26 -0.34 -11.42
N ASN A 330 28.56 -1.62 -11.29
CA ASN A 330 28.12 -2.40 -10.12
C ASN A 330 28.75 -1.94 -8.78
N SER A 331 29.88 -1.25 -8.88
CA SER A 331 30.49 -0.53 -7.72
C SER A 331 29.63 0.57 -7.11
N ALA A 332 28.69 1.07 -7.91
CA ALA A 332 27.82 2.14 -7.51
C ALA A 332 26.67 1.69 -6.65
N TRP A 333 26.39 0.38 -6.55
CA TRP A 333 25.15 -0.02 -5.92
C TRP A 333 24.99 0.45 -4.47
N PRO A 334 26.03 0.33 -3.65
CA PRO A 334 25.79 0.81 -2.26
C PRO A 334 25.42 2.30 -2.16
N GLN A 335 26.03 3.11 -2.96
CA GLN A 335 25.60 4.55 -3.04
C GLN A 335 24.18 4.73 -3.54
N ILE A 336 23.80 3.99 -4.56
CA ILE A 336 22.43 4.00 -5.04
C ILE A 336 21.44 3.60 -3.95
N LEU A 337 21.71 2.52 -3.20
CA LEU A 337 20.79 2.08 -2.15
C LEU A 337 20.70 3.14 -1.05
N LYS A 338 21.81 3.74 -0.68
CA LYS A 338 21.80 4.80 0.29
C LYS A 338 20.93 5.97 -0.18
N GLU A 339 21.08 6.38 -1.43
CA GLU A 339 20.30 7.51 -1.97
C GLU A 339 18.81 7.23 -2.03
N VAL A 340 18.45 6.00 -2.39
CA VAL A 340 17.07 5.58 -2.39
C VAL A 340 16.51 5.63 -0.98
N ASN A 341 17.27 5.10 0.01
CA ASN A 341 16.85 5.09 1.41
C ASN A 341 16.65 6.51 1.93
N THR A 342 17.58 7.39 1.58
CA THR A 342 17.55 8.81 1.97
C THR A 342 16.32 9.52 1.45
N GLU A 343 15.96 9.23 0.20
CA GLU A 343 14.77 9.81 -0.42
C GLU A 343 13.50 9.27 0.17
N ARG A 344 13.45 7.94 0.35
CA ARG A 344 12.19 7.28 0.64
C ARG A 344 11.80 7.25 2.08
N ALA A 345 12.78 7.19 2.98
CA ALA A 345 12.45 7.04 4.40
C ALA A 345 11.66 8.24 4.97
N PRO A 346 12.06 9.47 4.68
CA PRO A 346 11.28 10.56 5.26
C PRO A 346 9.85 10.57 4.73
N ARG A 347 9.70 10.30 3.42
CA ARG A 347 8.39 10.25 2.78
C ARG A 347 7.56 9.21 3.43
N CYS A 348 8.05 7.95 3.43
CA CYS A 348 7.23 6.88 3.91
C CYS A 348 6.99 6.97 5.42
N ASN A 349 7.98 7.47 6.15
CA ASN A 349 7.79 7.47 7.58
C ASN A 349 6.78 8.53 8.02
N ARG A 350 6.66 9.63 7.24
CA ARG A 350 5.61 10.55 7.47
C ARG A 350 4.22 9.96 7.21
N ILE A 351 4.10 9.14 6.17
CA ILE A 351 2.89 8.40 5.95
C ILE A 351 2.55 7.48 7.12
N LEU A 352 3.52 6.79 7.67
CA LEU A 352 3.28 5.88 8.83
C LEU A 352 2.71 6.68 9.99
N THR A 353 3.39 7.74 10.34
CA THR A 353 3.10 8.49 11.59
C THR A 353 1.81 9.32 11.39
N THR A 354 1.71 10.00 10.24
CA THR A 354 0.48 10.75 9.91
C THR A 354 -0.71 9.84 9.78
N GLY A 355 -0.50 8.68 9.21
CA GLY A 355 -1.60 7.74 9.09
C GLY A 355 -2.21 7.33 10.39
N ARG A 356 -1.41 7.08 11.42
CA ARG A 356 -1.92 6.86 12.74
C ARG A 356 -2.85 8.01 13.24
N MET A 357 -2.34 9.24 13.13
CA MET A 357 -3.10 10.45 13.59
C MET A 357 -4.36 10.58 12.79
N TRP A 358 -4.28 10.39 11.47
CA TRP A 358 -5.47 10.50 10.56
C TRP A 358 -6.54 9.47 10.94
N GLY A 359 -6.17 8.19 11.21
CA GLY A 359 -7.17 7.24 11.69
C GLY A 359 -7.77 7.58 13.02
N GLU A 360 -6.93 8.11 13.91
CA GLU A 360 -7.44 8.58 15.19
C GLU A 360 -8.47 9.69 14.98
N LEU A 361 -8.23 10.58 14.03
CA LEU A 361 -9.17 11.62 13.72
C LEU A 361 -10.50 11.09 13.20
N TRP A 362 -10.49 9.99 12.47
CA TRP A 362 -11.75 9.33 12.08
C TRP A 362 -12.60 8.83 13.25
N HIS A 363 -11.93 8.38 14.29
CA HIS A 363 -12.60 7.53 15.28
C HIS A 363 -12.94 8.24 16.60
N LEU A 364 -12.76 9.54 16.60
CA LEU A 364 -13.08 10.35 17.79
C LEU A 364 -14.55 10.27 18.22
N ASP A 365 -14.79 10.47 19.50
CA ASP A 365 -16.11 10.41 20.14
CA ASP A 365 -16.14 10.47 20.09
C ASP A 365 -16.40 11.72 20.92
N GLY A 366 -17.62 11.88 21.36
CA GLY A 366 -17.98 13.00 22.26
C GLY A 366 -17.68 14.34 21.66
N THR A 367 -17.24 15.25 22.53
CA THR A 367 -16.87 16.60 22.07
C THR A 367 -15.82 16.62 20.98
N ALA A 368 -14.86 15.70 21.02
CA ALA A 368 -13.82 15.63 20.01
C ALA A 368 -14.43 15.38 18.61
N ARG A 369 -15.46 14.57 18.60
CA ARG A 369 -16.22 14.31 17.35
C ARG A 369 -16.92 15.50 16.83
N ILE A 370 -17.58 16.24 17.74
CA ILE A 370 -18.23 17.47 17.39
C ILE A 370 -17.21 18.50 16.73
N ALA A 371 -16.04 18.65 17.33
CA ALA A 371 -15.00 19.57 16.80
C ALA A 371 -14.49 19.06 15.43
N ARG A 372 -14.27 17.76 15.32
CA ARG A 372 -13.80 17.16 14.08
C ARG A 372 -14.79 17.41 12.95
N ASN A 373 -16.09 17.13 13.24
CA ASN A 373 -17.12 17.32 12.23
C ASN A 373 -17.17 18.73 11.71
N GLU A 374 -17.12 19.69 12.65
CA GLU A 374 -17.08 21.06 12.26
C GLU A 374 -15.86 21.49 11.48
N LEU A 375 -14.72 20.98 11.87
CA LEU A 375 -13.47 21.16 11.10
C LEU A 375 -13.61 20.69 9.68
N PHE A 376 -14.11 19.48 9.47
CA PHE A 376 -14.25 19.01 8.15
C PHE A 376 -15.27 19.84 7.35
N ARG A 377 -16.38 20.22 7.97
CA ARG A 377 -17.43 20.98 7.30
C ARG A 377 -17.02 22.34 6.81
N THR A 378 -16.20 23.03 7.62
CA THR A 378 -15.96 24.44 7.36
C THR A 378 -14.72 24.74 6.59
N ARG A 379 -14.01 23.71 6.19
CA ARG A 379 -12.68 23.86 5.57
C ARG A 379 -12.75 24.62 4.25
N ASP A 380 -11.62 25.17 3.85
CA ASP A 380 -11.50 25.77 2.52
C ASP A 380 -11.29 24.60 1.57
N THR A 381 -12.33 24.26 0.84
CA THR A 381 -12.24 23.09 -0.08
C THR A 381 -11.41 23.31 -1.32
N SER A 382 -11.05 24.55 -1.60
CA SER A 382 -10.11 24.85 -2.63
C SER A 382 -8.67 24.79 -2.27
N SER A 383 -8.36 24.62 -0.99
CA SER A 383 -6.99 24.49 -0.53
C SER A 383 -6.54 23.06 -0.76
N TYR A 384 -5.29 22.85 -1.00
CA TYR A 384 -4.74 21.48 -1.08
C TYR A 384 -3.72 21.30 0.00
N LYS A 385 -3.72 22.16 1.03
CA LYS A 385 -2.65 22.02 2.03
C LYS A 385 -2.68 20.74 2.80
N TYR A 386 -3.85 20.07 2.94
CA TYR A 386 -3.88 18.83 3.73
C TYR A 386 -3.46 17.62 2.88
N THR A 387 -3.31 17.81 1.58
CA THR A 387 -3.08 16.62 0.70
C THR A 387 -1.84 16.77 -0.24
N ASP A 388 -1.31 17.98 -0.50
CA ASP A 388 -0.18 18.11 -1.39
C ASP A 388 1.02 17.24 -0.99
N TRP A 389 1.32 17.14 0.30
CA TRP A 389 2.44 16.36 0.78
C TRP A 389 2.34 14.89 0.37
N LEU A 390 1.08 14.42 0.20
CA LEU A 390 0.81 13.00 -0.10
C LEU A 390 0.76 12.85 -1.61
N TRP A 391 -0.18 13.51 -2.24
CA TRP A 391 -0.48 13.27 -3.66
C TRP A 391 0.42 14.00 -4.64
N GLY A 392 1.11 15.02 -4.14
CA GLY A 392 1.98 15.79 -5.01
C GLY A 392 3.44 15.48 -4.94
N TYR A 393 3.79 14.55 -4.06
CA TYR A 393 5.13 14.02 -3.96
C TYR A 393 5.61 13.38 -5.24
N SER A 394 6.86 13.55 -5.58
CA SER A 394 7.54 12.71 -6.58
C SER A 394 9.01 12.53 -6.23
N SER A 395 9.59 11.35 -6.54
CA SER A 395 10.97 11.08 -6.30
C SER A 395 11.88 11.74 -7.38
N ASP A 396 11.31 12.25 -8.43
CA ASP A 396 12.18 12.73 -9.53
C ASP A 396 13.19 13.77 -9.10
N ARG A 397 14.46 13.61 -9.45
CA ARG A 397 15.45 14.63 -9.07
C ARG A 397 15.99 15.36 -10.28
#